data_1H0J
#
_entry.id   1H0J
#
_cell.length_a   74.902
_cell.length_b   76.202
_cell.length_c   47.784
_cell.angle_alpha   90.00
_cell.angle_beta   90.00
_cell.angle_gamma   90.00
#
_symmetry.space_group_name_H-M   'P 21 21 2'
#
loop_
_entity.id
_entity.type
_entity.pdbx_description
1 polymer CARDIOTOXIN-3
2 non-polymer 'DODECYL SULFATE'
3 water water
#
_entity_poly.entity_id   1
_entity_poly.type   'polypeptide(L)'
_entity_poly.pdbx_seq_one_letter_code
;LKCNKLVPLFYKTCPAGKNLCYKMFMVATPKVPVKRGCIDVCPKSSLLVKYVCCNTDRCN
;
_entity_poly.pdbx_strand_id   A,B,C
#
# COMPACT_ATOMS: atom_id res chain seq x y z
N LEU A 1 24.07 3.28 -2.54
CA LEU A 1 22.69 3.41 -3.11
C LEU A 1 21.74 4.10 -2.14
N LYS A 2 20.93 5.01 -2.67
CA LYS A 2 19.95 5.72 -1.86
C LYS A 2 18.55 5.22 -2.25
N CYS A 3 17.70 4.97 -1.26
CA CYS A 3 16.34 4.52 -1.52
C CYS A 3 15.35 5.36 -0.73
N ASN A 4 14.17 5.59 -1.31
CA ASN A 4 13.14 6.36 -0.65
C ASN A 4 12.42 5.56 0.42
N LYS A 5 11.92 6.27 1.44
CA LYS A 5 11.17 5.64 2.52
C LYS A 5 9.69 5.69 2.16
N LEU A 6 8.83 5.15 3.03
CA LEU A 6 7.40 5.10 2.77
C LEU A 6 6.89 6.41 2.16
N VAL A 7 7.39 7.52 2.70
CA VAL A 7 7.06 8.84 2.19
C VAL A 7 8.27 9.22 1.35
N PRO A 8 8.15 9.12 0.02
CA PRO A 8 9.19 9.42 -0.98
C PRO A 8 10.03 10.67 -0.70
N LEU A 9 9.43 11.63 0.01
CA LEU A 9 10.12 12.87 0.35
C LEU A 9 11.36 12.59 1.19
N PHE A 10 11.35 11.45 1.88
CA PHE A 10 12.47 11.07 2.74
C PHE A 10 13.20 9.85 2.19
N TYR A 11 14.51 9.78 2.43
CA TYR A 11 15.30 8.67 1.94
C TYR A 11 16.48 8.34 2.86
N LYS A 12 17.24 7.33 2.47
CA LYS A 12 18.40 6.91 3.23
C LYS A 12 19.36 6.09 2.38
N THR A 13 20.62 6.09 2.77
CA THR A 13 21.63 5.33 2.06
C THR A 13 21.54 3.91 2.60
N CYS A 14 21.53 2.94 1.70
CA CYS A 14 21.43 1.54 2.07
C CYS A 14 22.67 1.00 2.76
N PRO A 15 22.49 0.12 3.75
CA PRO A 15 23.61 -0.47 4.48
C PRO A 15 24.26 -1.55 3.62
N ALA A 16 25.36 -2.10 4.11
CA ALA A 16 26.08 -3.15 3.42
C ALA A 16 25.22 -4.41 3.35
N GLY A 17 25.04 -4.93 2.14
CA GLY A 17 24.25 -6.14 1.99
C GLY A 17 22.91 -5.94 1.30
N LYS A 18 22.45 -4.69 1.23
CA LYS A 18 21.17 -4.36 0.60
C LYS A 18 21.39 -3.41 -0.58
N ASN A 19 21.57 -3.97 -1.77
CA ASN A 19 21.82 -3.17 -2.96
C ASN A 19 20.64 -2.99 -3.89
N LEU A 20 19.44 -2.98 -3.33
CA LEU A 20 18.22 -2.80 -4.11
C LEU A 20 17.18 -2.00 -3.35
N CYS A 21 16.47 -1.15 -4.07
CA CYS A 21 15.38 -0.36 -3.51
C CYS A 21 14.14 -1.17 -3.87
N TYR A 22 13.09 -1.03 -3.08
CA TYR A 22 11.85 -1.73 -3.39
C TYR A 22 10.66 -0.89 -2.96
N LYS A 23 9.52 -1.20 -3.56
CA LYS A 23 8.26 -0.54 -3.27
C LYS A 23 7.25 -1.66 -3.31
N MET A 24 6.46 -1.79 -2.26
CA MET A 24 5.44 -2.84 -2.16
C MET A 24 4.05 -2.22 -2.28
N PHE A 25 3.17 -2.84 -3.05
CA PHE A 25 1.82 -2.31 -3.23
C PHE A 25 0.85 -3.38 -3.71
N MET A 26 -0.44 -3.14 -3.54
CA MET A 26 -1.45 -4.09 -3.99
C MET A 26 -1.77 -3.73 -5.44
N VAL A 27 -1.86 -4.74 -6.30
CA VAL A 27 -2.10 -4.53 -7.72
C VAL A 27 -3.24 -3.57 -8.09
N ALA A 28 -4.31 -3.57 -7.30
CA ALA A 28 -5.47 -2.72 -7.55
C ALA A 28 -5.33 -1.30 -7.02
N THR A 29 -4.27 -1.03 -6.26
CA THR A 29 -4.05 0.30 -5.73
C THR A 29 -2.56 0.65 -5.85
N PRO A 30 -2.05 0.71 -7.09
CA PRO A 30 -0.64 1.03 -7.33
C PRO A 30 -0.18 2.39 -6.80
N LYS A 31 -1.09 3.36 -6.76
CA LYS A 31 -0.76 4.70 -6.28
C LYS A 31 -0.77 4.79 -4.75
N VAL A 32 -1.15 3.70 -4.09
CA VAL A 32 -1.17 3.70 -2.63
C VAL A 32 -0.23 2.62 -2.08
N PRO A 33 1.08 2.76 -2.34
CA PRO A 33 2.09 1.82 -1.88
C PRO A 33 2.07 1.63 -0.37
N VAL A 34 2.49 0.47 0.09
CA VAL A 34 2.48 0.18 1.53
C VAL A 34 3.84 0.03 2.19
N LYS A 35 4.89 -0.09 1.38
CA LYS A 35 6.22 -0.23 1.96
C LYS A 35 7.28 0.20 0.96
N ARG A 36 8.32 0.85 1.47
CA ARG A 36 9.43 1.32 0.63
C ARG A 36 10.71 1.26 1.45
N GLY A 37 11.80 0.82 0.83
CA GLY A 37 13.06 0.76 1.54
C GLY A 37 14.17 0.05 0.78
N CYS A 38 15.21 -0.36 1.51
CA CYS A 38 16.34 -1.08 0.94
C CYS A 38 16.12 -2.55 1.24
N ILE A 39 16.65 -3.42 0.40
CA ILE A 39 16.51 -4.85 0.62
C ILE A 39 17.61 -5.57 -0.16
N ASP A 40 17.87 -6.83 0.18
CA ASP A 40 18.92 -7.57 -0.51
C ASP A 40 18.40 -8.41 -1.68
N VAL A 41 17.18 -8.91 -1.55
CA VAL A 41 16.57 -9.73 -2.60
C VAL A 41 15.14 -9.26 -2.89
N CYS A 42 14.80 -9.16 -4.18
CA CYS A 42 13.47 -8.71 -4.56
C CYS A 42 12.39 -9.70 -4.14
N PRO A 43 11.52 -9.30 -3.21
CA PRO A 43 10.46 -10.21 -2.75
C PRO A 43 9.67 -10.76 -3.94
N LYS A 44 9.18 -11.99 -3.81
CA LYS A 44 8.41 -12.61 -4.87
C LYS A 44 7.04 -11.97 -5.00
N SER A 45 6.67 -11.56 -6.21
CA SER A 45 5.36 -10.95 -6.44
C SER A 45 4.29 -12.05 -6.55
N SER A 46 3.05 -11.70 -6.22
CA SER A 46 1.95 -12.66 -6.31
C SER A 46 0.83 -12.02 -7.13
N LEU A 47 -0.33 -12.68 -7.19
CA LEU A 47 -1.46 -12.18 -7.95
C LEU A 47 -1.85 -10.75 -7.57
N LEU A 48 -1.94 -10.51 -6.27
CA LEU A 48 -2.36 -9.21 -5.76
C LEU A 48 -1.28 -8.36 -5.09
N VAL A 49 -0.19 -8.98 -4.67
CA VAL A 49 0.90 -8.26 -3.99
C VAL A 49 2.11 -8.17 -4.89
N LYS A 50 2.41 -6.94 -5.32
CA LYS A 50 3.51 -6.66 -6.22
C LYS A 50 4.66 -5.92 -5.56
N TYR A 51 5.85 -6.16 -6.08
CA TYR A 51 7.05 -5.51 -5.57
C TYR A 51 7.80 -4.91 -6.74
N VAL A 52 8.18 -3.66 -6.59
CA VAL A 52 8.96 -2.96 -7.61
C VAL A 52 10.37 -2.91 -7.01
N CYS A 53 11.35 -3.39 -7.78
CA CYS A 53 12.74 -3.42 -7.34
C CYS A 53 13.65 -2.77 -8.39
N CYS A 54 14.56 -1.90 -7.94
CA CYS A 54 15.47 -1.20 -8.84
C CYS A 54 16.71 -0.77 -8.05
N ASN A 55 17.79 -0.41 -8.74
CA ASN A 55 19.00 0.01 -8.03
C ASN A 55 19.60 1.31 -8.52
N THR A 56 18.75 2.31 -8.71
CA THR A 56 19.16 3.64 -9.14
C THR A 56 18.72 4.54 -7.98
N ASP A 57 19.58 5.46 -7.56
CA ASP A 57 19.24 6.34 -6.45
C ASP A 57 17.80 6.83 -6.45
N ARG A 58 17.11 6.56 -5.34
CA ARG A 58 15.72 6.97 -5.16
C ARG A 58 14.82 6.62 -6.34
N CYS A 59 14.97 5.40 -6.84
CA CYS A 59 14.19 4.91 -7.97
C CYS A 59 12.88 4.25 -7.52
N ASN A 60 12.75 3.98 -6.23
CA ASN A 60 11.56 3.34 -5.69
C ASN A 60 10.51 4.34 -5.21
N LEU B 1 0.44 -29.98 8.11
CA LEU B 1 -0.36 -28.74 8.31
C LEU B 1 -1.00 -28.34 6.98
N LYS B 2 -2.22 -27.85 7.05
CA LYS B 2 -2.95 -27.41 5.87
C LYS B 2 -3.31 -25.94 6.06
N CYS B 3 -3.12 -25.14 5.01
CA CYS B 3 -3.42 -23.71 5.04
C CYS B 3 -4.24 -23.30 3.84
N ASN B 4 -5.17 -22.39 4.05
CA ASN B 4 -6.01 -21.90 2.96
C ASN B 4 -5.23 -21.03 2.00
N LYS B 5 -5.66 -21.02 0.75
CA LYS B 5 -5.04 -20.21 -0.30
C LYS B 5 -5.85 -18.92 -0.39
N LEU B 6 -5.44 -18.02 -1.27
CA LEU B 6 -6.10 -16.74 -1.47
C LEU B 6 -7.62 -16.88 -1.43
N VAL B 7 -8.15 -17.84 -2.18
CA VAL B 7 -9.58 -18.13 -2.18
C VAL B 7 -9.68 -19.26 -1.17
N PRO B 8 -10.13 -18.96 0.06
CA PRO B 8 -10.29 -19.91 1.16
C PRO B 8 -11.07 -21.19 0.90
N LEU B 9 -11.67 -21.29 -0.28
CA LEU B 9 -12.41 -22.48 -0.66
C LEU B 9 -11.39 -23.59 -0.92
N PHE B 10 -10.15 -23.18 -1.20
CA PHE B 10 -9.09 -24.13 -1.50
C PHE B 10 -7.96 -24.05 -0.48
N TYR B 11 -7.23 -25.15 -0.35
CA TYR B 11 -6.12 -25.22 0.58
C TYR B 11 -5.00 -26.11 0.08
N LYS B 12 -3.88 -26.08 0.77
CA LYS B 12 -2.72 -26.86 0.39
C LYS B 12 -2.05 -27.46 1.62
N THR B 13 -1.38 -28.60 1.42
CA THR B 13 -0.67 -29.23 2.51
C THR B 13 0.70 -28.59 2.50
N CYS B 14 1.09 -28.01 3.63
CA CYS B 14 2.38 -27.33 3.71
C CYS B 14 3.56 -28.26 3.49
N PRO B 15 4.57 -27.79 2.75
CA PRO B 15 5.77 -28.60 2.48
C PRO B 15 6.65 -28.59 3.72
N ALA B 16 7.72 -29.38 3.69
CA ALA B 16 8.63 -29.45 4.84
C ALA B 16 9.26 -28.08 5.09
N GLY B 17 9.34 -27.71 6.36
CA GLY B 17 9.94 -26.42 6.70
C GLY B 17 8.93 -25.31 6.97
N LYS B 18 7.70 -25.52 6.52
CA LYS B 18 6.63 -24.52 6.71
C LYS B 18 5.54 -25.08 7.61
N ASN B 19 5.53 -24.66 8.87
CA ASN B 19 4.54 -25.13 9.84
C ASN B 19 3.70 -23.99 10.39
N LEU B 20 3.38 -23.03 9.54
CA LEU B 20 2.59 -21.88 9.97
C LEU B 20 1.70 -21.41 8.81
N CYS B 21 0.50 -20.94 9.13
CA CYS B 21 -0.40 -20.40 8.12
C CYS B 21 -0.45 -18.91 8.37
N TYR B 22 -0.72 -18.14 7.32
CA TYR B 22 -0.80 -16.71 7.50
C TYR B 22 -1.79 -16.08 6.54
N LYS B 23 -2.22 -14.87 6.87
CA LYS B 23 -3.10 -14.07 6.05
C LYS B 23 -2.42 -12.70 6.03
N MET B 24 -2.42 -12.04 4.88
CA MET B 24 -1.81 -10.72 4.78
C MET B 24 -2.92 -9.72 4.47
N PHE B 25 -2.98 -8.65 5.27
CA PHE B 25 -3.98 -7.60 5.09
C PHE B 25 -3.35 -6.26 4.75
N MET B 26 -4.00 -5.52 3.86
CA MET B 26 -3.56 -4.17 3.48
C MET B 26 -4.49 -3.27 4.29
N VAL B 27 -3.93 -2.43 5.16
CA VAL B 27 -4.73 -1.52 6.00
C VAL B 27 -5.73 -0.67 5.23
N ALA B 28 -5.29 -0.13 4.09
CA ALA B 28 -6.11 0.73 3.24
C ALA B 28 -7.28 0.01 2.56
N THR B 29 -7.13 -1.29 2.33
CA THR B 29 -8.16 -2.11 1.70
C THR B 29 -8.14 -3.43 2.49
N PRO B 30 -8.56 -3.40 3.76
CA PRO B 30 -8.61 -4.52 4.70
C PRO B 30 -9.79 -5.48 4.66
N LYS B 31 -10.73 -5.25 3.76
CA LYS B 31 -11.92 -6.08 3.64
C LYS B 31 -11.56 -7.57 3.65
N VAL B 32 -10.58 -7.95 2.84
CA VAL B 32 -10.16 -9.33 2.75
C VAL B 32 -8.64 -9.43 2.56
N PRO B 33 -8.04 -10.54 3.02
CA PRO B 33 -6.59 -10.68 2.86
C PRO B 33 -6.22 -10.71 1.38
N VAL B 34 -5.06 -10.17 1.05
CA VAL B 34 -4.60 -10.14 -0.33
C VAL B 34 -3.59 -11.25 -0.62
N LYS B 35 -3.30 -12.04 0.40
CA LYS B 35 -2.38 -13.16 0.27
C LYS B 35 -2.58 -14.10 1.46
N ARG B 36 -2.51 -15.40 1.20
CA ARG B 36 -2.67 -16.43 2.23
C ARG B 36 -1.87 -17.64 1.84
N GLY B 37 -1.44 -18.42 2.84
CA GLY B 37 -0.69 -19.62 2.53
C GLY B 37 0.12 -20.17 3.69
N CYS B 38 1.05 -21.07 3.36
CA CYS B 38 1.93 -21.68 4.33
C CYS B 38 3.20 -20.82 4.38
N ILE B 39 3.92 -20.90 5.49
CA ILE B 39 5.16 -20.15 5.63
C ILE B 39 5.93 -20.69 6.84
N ASP B 40 7.21 -20.33 6.96
CA ASP B 40 8.04 -20.79 8.07
C ASP B 40 8.01 -19.84 9.26
N VAL B 41 8.14 -18.55 8.99
CA VAL B 41 8.15 -17.55 10.05
C VAL B 41 7.03 -16.54 9.81
N CYS B 42 6.61 -15.88 10.88
CA CYS B 42 5.56 -14.89 10.76
C CYS B 42 6.16 -13.54 10.37
N PRO B 43 5.84 -13.07 9.15
CA PRO B 43 6.34 -11.80 8.66
C PRO B 43 6.01 -10.65 9.62
N LYS B 44 6.94 -9.72 9.76
CA LYS B 44 6.76 -8.58 10.65
C LYS B 44 5.67 -7.68 10.08
N SER B 45 4.72 -7.27 10.92
CA SER B 45 3.66 -6.37 10.47
C SER B 45 4.24 -4.96 10.45
N SER B 46 3.60 -4.06 9.69
CA SER B 46 4.06 -2.68 9.62
C SER B 46 2.86 -1.73 9.68
N LEU B 47 3.11 -0.46 9.43
CA LEU B 47 2.05 0.53 9.49
C LEU B 47 0.86 0.27 8.56
N LEU B 48 1.14 -0.15 7.32
CA LEU B 48 0.08 -0.38 6.34
C LEU B 48 -0.13 -1.83 5.89
N VAL B 49 0.63 -2.75 6.48
CA VAL B 49 0.52 -4.17 6.16
C VAL B 49 0.42 -4.95 7.46
N LYS B 50 -0.63 -5.76 7.60
CA LYS B 50 -0.81 -6.54 8.83
C LYS B 50 -0.88 -8.03 8.54
N TYR B 51 -0.16 -8.81 9.33
CA TYR B 51 -0.13 -10.25 9.19
C TYR B 51 -0.83 -10.97 10.36
N VAL B 52 -1.56 -12.02 10.04
CA VAL B 52 -2.22 -12.83 11.06
C VAL B 52 -1.64 -14.22 10.87
N CYS B 53 -0.97 -14.74 11.90
CA CYS B 53 -0.32 -16.05 11.81
C CYS B 53 -0.91 -17.05 12.80
N CYS B 54 -1.09 -18.29 12.33
CA CYS B 54 -1.64 -19.36 13.18
C CYS B 54 -1.17 -20.72 12.68
N ASN B 55 -1.13 -21.73 13.55
CA ASN B 55 -0.67 -23.04 13.10
C ASN B 55 -1.63 -24.21 13.25
N THR B 56 -2.89 -23.97 12.89
CA THR B 56 -3.94 -24.99 12.94
C THR B 56 -4.49 -25.19 11.53
N ASP B 57 -4.89 -26.41 11.19
CA ASP B 57 -5.40 -26.69 9.87
C ASP B 57 -6.43 -25.67 9.38
N ARG B 58 -6.10 -24.99 8.29
CA ARG B 58 -6.98 -24.00 7.69
C ARG B 58 -7.46 -22.92 8.67
N CYS B 59 -6.59 -22.48 9.57
CA CYS B 59 -6.91 -21.45 10.56
C CYS B 59 -6.84 -20.05 9.97
N ASN B 60 -6.34 -19.96 8.74
CA ASN B 60 -6.17 -18.68 8.04
C ASN B 60 -7.23 -18.50 6.97
N LEU C 1 -7.60 30.36 -6.26
CA LEU C 1 -8.45 29.21 -5.81
C LEU C 1 -8.04 28.74 -4.43
N LYS C 2 -9.03 28.50 -3.58
CA LYS C 2 -8.78 28.03 -2.22
C LYS C 2 -9.36 26.63 -2.06
N CYS C 3 -8.60 25.75 -1.43
CA CYS C 3 -9.05 24.38 -1.21
C CYS C 3 -8.90 23.97 0.25
N ASN C 4 -9.74 23.05 0.70
CA ASN C 4 -9.68 22.56 2.07
C ASN C 4 -8.54 21.56 2.23
N LYS C 5 -8.07 21.40 3.46
CA LYS C 5 -6.98 20.48 3.76
C LYS C 5 -7.51 19.18 4.36
N LEU C 6 -6.62 18.41 4.99
CA LEU C 6 -6.96 17.14 5.62
C LEU C 6 -8.26 17.28 6.40
N VAL C 7 -8.30 18.29 7.27
CA VAL C 7 -9.47 18.57 8.10
C VAL C 7 -10.24 19.73 7.45
N PRO C 8 -11.50 19.49 7.07
CA PRO C 8 -12.39 20.48 6.44
C PRO C 8 -12.35 21.87 7.05
N LEU C 9 -12.10 21.94 8.36
CA LEU C 9 -12.05 23.22 9.06
C LEU C 9 -10.98 24.15 8.47
N PHE C 10 -9.88 23.55 8.01
CA PHE C 10 -8.79 24.33 7.44
C PHE C 10 -8.80 24.36 5.92
N TYR C 11 -8.06 25.31 5.35
CA TYR C 11 -7.95 25.47 3.90
C TYR C 11 -6.82 26.43 3.55
N LYS C 12 -6.44 26.46 2.28
CA LYS C 12 -5.36 27.35 1.83
C LYS C 12 -5.53 27.74 0.36
N THR C 13 -4.76 28.73 -0.07
CA THR C 13 -4.81 29.19 -1.46
C THR C 13 -3.83 28.38 -2.30
N CYS C 14 -4.32 27.90 -3.45
CA CYS C 14 -3.50 27.10 -4.35
C CYS C 14 -2.43 27.90 -5.06
N PRO C 15 -1.25 27.30 -5.26
CA PRO C 15 -0.14 27.96 -5.94
C PRO C 15 -0.36 27.93 -7.45
N ALA C 16 0.39 28.76 -8.17
CA ALA C 16 0.29 28.81 -9.63
C ALA C 16 0.62 27.44 -10.19
N GLY C 17 -0.31 26.89 -10.97
CA GLY C 17 -0.09 25.57 -11.56
C GLY C 17 -1.10 24.56 -11.07
N LYS C 18 -1.87 24.93 -10.06
CA LYS C 18 -2.88 24.03 -9.50
C LYS C 18 -4.23 24.72 -9.41
N ASN C 19 -5.07 24.51 -10.41
CA ASN C 19 -6.39 25.12 -10.41
C ASN C 19 -7.52 24.15 -10.13
N LEU C 20 -7.26 23.20 -9.24
CA LEU C 20 -8.27 22.21 -8.85
C LEU C 20 -8.17 21.86 -7.38
N CYS C 21 -9.32 21.55 -6.78
CA CYS C 21 -9.38 21.11 -5.40
C CYS C 21 -9.70 19.64 -5.57
N TYR C 22 -9.23 18.79 -4.66
CA TYR C 22 -9.54 17.38 -4.81
C TYR C 22 -9.68 16.65 -3.48
N LYS C 23 -10.44 15.56 -3.51
CA LYS C 23 -10.64 14.71 -2.36
C LYS C 23 -10.30 13.31 -2.85
N MET C 24 -9.61 12.54 -2.03
CA MET C 24 -9.23 11.17 -2.36
C MET C 24 -9.88 10.23 -1.35
N PHE C 25 -10.68 9.29 -1.85
CA PHE C 25 -11.38 8.33 -1.00
C PHE C 25 -10.93 6.89 -1.24
N MET C 26 -10.89 6.11 -0.17
CA MET C 26 -10.58 4.68 -0.29
C MET C 26 -11.97 4.08 -0.11
N VAL C 27 -12.35 3.13 -0.96
CA VAL C 27 -13.67 2.53 -0.86
C VAL C 27 -13.98 2.00 0.54
N ALA C 28 -12.96 1.58 1.28
CA ALA C 28 -13.15 1.04 2.63
C ALA C 28 -13.58 2.13 3.61
N THR C 29 -13.24 3.37 3.29
CA THR C 29 -13.60 4.51 4.13
C THR C 29 -14.26 5.54 3.20
N PRO C 30 -15.44 5.21 2.65
CA PRO C 30 -16.21 6.06 1.75
C PRO C 30 -16.72 7.39 2.29
N LYS C 31 -16.76 7.54 3.60
CA LYS C 31 -17.23 8.77 4.22
C LYS C 31 -16.15 9.80 4.51
N VAL C 32 -14.92 9.34 4.74
CA VAL C 32 -13.82 10.24 5.04
C VAL C 32 -12.64 10.15 4.08
N PRO C 33 -12.40 11.20 3.30
CA PRO C 33 -11.28 11.20 2.35
C PRO C 33 -9.94 11.13 3.08
N VAL C 34 -9.01 10.36 2.53
CA VAL C 34 -7.69 10.20 3.14
C VAL C 34 -6.69 11.23 2.67
N LYS C 35 -7.11 12.11 1.77
CA LYS C 35 -6.23 13.14 1.23
C LYS C 35 -7.09 14.28 0.70
N ARG C 36 -6.63 15.52 0.86
CA ARG C 36 -7.37 16.69 0.40
C ARG C 36 -6.44 17.88 0.17
N GLY C 37 -6.67 18.64 -0.91
CA GLY C 37 -5.84 19.79 -1.20
C GLY C 37 -5.93 20.29 -2.64
N CYS C 38 -4.87 20.94 -3.12
CA CYS C 38 -4.83 21.45 -4.49
C CYS C 38 -4.11 20.45 -5.36
N ILE C 39 -4.38 20.51 -6.67
CA ILE C 39 -3.73 19.61 -7.59
C ILE C 39 -3.81 20.12 -9.02
N ASP C 40 -2.87 19.69 -9.85
CA ASP C 40 -2.82 20.10 -11.26
C ASP C 40 -3.73 19.18 -12.06
N VAL C 41 -3.28 17.94 -12.26
CA VAL C 41 -4.03 16.95 -13.01
C VAL C 41 -4.94 16.15 -12.09
N CYS C 42 -6.23 16.11 -12.42
CA CYS C 42 -7.19 15.35 -11.62
C CYS C 42 -6.88 13.87 -11.79
N PRO C 43 -6.59 13.17 -10.69
CA PRO C 43 -6.28 11.74 -10.69
C PRO C 43 -7.42 10.87 -11.22
N LYS C 44 -7.06 9.73 -11.80
CA LYS C 44 -8.04 8.80 -12.35
C LYS C 44 -8.65 7.93 -11.26
N SER C 45 -9.98 7.82 -11.24
CA SER C 45 -10.66 7.00 -10.24
C SER C 45 -10.56 5.54 -10.64
N SER C 46 -10.58 4.67 -9.64
CA SER C 46 -10.49 3.23 -9.85
C SER C 46 -11.57 2.52 -9.06
N LEU C 47 -11.59 1.20 -9.15
CA LEU C 47 -12.56 0.41 -8.42
C LEU C 47 -12.48 0.65 -6.91
N LEU C 48 -11.25 0.77 -6.40
CA LEU C 48 -11.05 0.96 -4.96
C LEU C 48 -10.59 2.32 -4.49
N VAL C 49 -10.27 3.21 -5.42
CA VAL C 49 -9.81 4.55 -5.06
C VAL C 49 -10.62 5.58 -5.86
N LYS C 50 -11.35 6.43 -5.15
CA LYS C 50 -12.19 7.43 -5.81
C LYS C 50 -11.67 8.84 -5.60
N TYR C 51 -11.72 9.65 -6.67
CA TYR C 51 -11.28 11.03 -6.62
C TYR C 51 -12.43 11.97 -6.98
N VAL C 52 -12.46 13.12 -6.31
CA VAL C 52 -13.46 14.13 -6.58
C VAL C 52 -12.68 15.41 -6.85
N CYS C 53 -12.84 15.98 -8.04
CA CYS C 53 -12.13 17.20 -8.41
C CYS C 53 -13.13 18.29 -8.77
N CYS C 54 -12.89 19.50 -8.27
CA CYS C 54 -13.77 20.62 -8.53
C CYS C 54 -12.93 21.89 -8.56
N ASN C 55 -13.43 22.95 -9.20
CA ASN C 55 -12.66 24.19 -9.26
C ASN C 55 -13.37 25.41 -8.68
N THR C 56 -13.86 25.27 -7.44
CA THR C 56 -14.55 26.35 -6.74
C THR C 56 -14.03 26.45 -5.30
N ASP C 57 -14.05 27.65 -4.74
CA ASP C 57 -13.56 27.88 -3.38
C ASP C 57 -14.09 26.86 -2.38
N ARG C 58 -13.17 26.21 -1.68
CA ARG C 58 -13.47 25.22 -0.66
C ARG C 58 -14.55 24.23 -1.11
N CYS C 59 -14.49 23.80 -2.36
CA CYS C 59 -15.47 22.86 -2.89
C CYS C 59 -15.17 21.43 -2.47
N ASN C 60 -13.97 21.22 -1.94
CA ASN C 60 -13.53 19.89 -1.52
C ASN C 60 -13.56 19.71 -0.01
#